data_9U4S
#
_entry.id   9U4S
#
_cell.length_a   263.910
_cell.length_b   47.760
_cell.length_c   66.280
_cell.angle_alpha   90.00
_cell.angle_beta   90.00
_cell.angle_gamma   90.00
#
_symmetry.space_group_name_H-M   'P 21 2 21'
#
loop_
_entity.id
_entity.type
_entity.pdbx_description
1 polymer 'Phosphatidylinositol 5-phosphate 4-kinase type-2 gamma'
2 non-polymer ~{N}-[5-(4-oxidanylidene-3-propyl-quinazolin-6-yl)pyridin-2-yl]pentanamide
3 water water
#
_entity_poly.entity_id   1
_entity_poly.type   'polypeptide(L)'
_entity_poly.pdbx_seq_one_letter_code
;GHFVQQKVKVFRAADPLVGVFLWGVAHSINELSQVPPPVMLLPDDFKASSKIKVNNHLFHRENLPSHFKFKEYCPQVFRN
LRDRFGIDDQDYLVSLTRNPPSESEGSDGRFLISYDRTLVIKEVSSEDIADMHSNLSNYHQYIVKCHGNTLLPQFLGMYR
VSVDNEDSYMLVMRNMFSHRLPVHRKYDLKGSLVSREASDKEKVKELPTLKDMDFLNKNQKVYIGEEEKKIFLEKLKRDV
EFLVQLKIMDYSLLLGIHDIIRGSEPEEELGPGEFESFIDVYAIRSAEGAPQKEVYFMGLIDILTQYDAKKKAAHAAKTV
KHGAGAEISTVHPEQYAKRFLDFITNIFA
;
_entity_poly.pdbx_strand_id   A,B
#
# COMPACT_ATOMS: atom_id res chain seq x y z
N VAL A 10 12.46 10.23 23.05
CA VAL A 10 12.40 10.21 21.59
C VAL A 10 11.18 10.96 21.09
N PHE A 11 11.13 12.27 21.35
CA PHE A 11 10.02 13.09 20.91
C PHE A 11 9.91 13.08 19.39
N ARG A 12 8.71 12.85 18.88
CA ARG A 12 8.43 12.99 17.46
C ARG A 12 7.27 13.95 17.29
N ALA A 13 7.24 14.65 16.16
CA ALA A 13 6.13 15.55 15.87
C ALA A 13 4.88 14.75 15.55
N ALA A 14 5.03 13.70 14.75
CA ALA A 14 3.95 12.78 14.43
C ALA A 14 4.22 11.45 15.12
N ASP A 15 3.17 10.88 15.69
CA ASP A 15 3.28 9.58 16.34
C ASP A 15 3.35 8.49 15.27
N PRO A 16 4.39 7.68 15.24
CA PRO A 16 4.46 6.61 14.22
C PRO A 16 3.36 5.59 14.33
N LEU A 17 2.75 5.41 15.50
CA LEU A 17 1.66 4.46 15.61
C LEU A 17 0.47 4.89 14.78
N VAL A 18 0.20 6.20 14.73
CA VAL A 18 -0.89 6.68 13.91
C VAL A 18 -0.50 6.70 12.44
N GLY A 19 0.76 7.08 12.16
CA GLY A 19 1.21 7.10 10.77
C GLY A 19 1.15 5.73 10.12
N VAL A 20 1.65 4.71 10.82
CA VAL A 20 1.57 3.35 10.29
C VAL A 20 0.12 2.91 10.14
N PHE A 21 -0.72 3.27 11.11
CA PHE A 21 -2.15 2.93 10.98
C PHE A 21 -2.77 3.60 9.77
N LEU A 22 -2.47 4.89 9.56
CA LEU A 22 -3.05 5.60 8.43
C LEU A 22 -2.52 5.06 7.11
N TRP A 23 -1.25 4.68 7.08
CA TRP A 23 -0.71 3.98 5.91
C TRP A 23 -1.46 2.68 5.66
N GLY A 24 -1.59 1.84 6.69
CA GLY A 24 -2.13 0.51 6.49
C GLY A 24 -3.60 0.50 6.11
N VAL A 25 -4.35 1.52 6.55
CA VAL A 25 -5.75 1.61 6.15
C VAL A 25 -5.85 1.95 4.67
N ALA A 26 -4.99 2.85 4.18
CA ALA A 26 -4.95 3.13 2.74
C ALA A 26 -4.59 1.87 1.96
N HIS A 27 -3.50 1.22 2.35
CA HIS A 27 -3.07 0.00 1.64
C HIS A 27 -4.15 -1.07 1.66
N SER A 28 -4.77 -1.28 2.82
CA SER A 28 -5.79 -2.31 2.95
C SER A 28 -6.94 -2.07 2.00
N ILE A 29 -7.52 -0.88 2.04
CA ILE A 29 -8.68 -0.57 1.22
C ILE A 29 -8.32 -0.58 -0.26
N ASN A 30 -7.11 -0.12 -0.61
CA ASN A 30 -6.72 -0.08 -2.02
C ASN A 30 -6.59 -1.49 -2.60
N GLU A 31 -5.98 -2.41 -1.84
CA GLU A 31 -5.95 -3.80 -2.28
C GLU A 31 -7.34 -4.41 -2.27
N LEU A 32 -8.17 -4.04 -1.27
CA LEU A 32 -9.54 -4.53 -1.22
C LEU A 32 -10.34 -4.09 -2.43
N SER A 33 -9.98 -2.97 -3.04
CA SER A 33 -10.70 -2.53 -4.23
C SER A 33 -10.50 -3.45 -5.41
N GLN A 34 -9.47 -4.29 -5.38
CA GLN A 34 -9.22 -5.25 -6.44
C GLN A 34 -9.77 -6.64 -6.14
N VAL A 35 -10.19 -6.89 -4.90
CA VAL A 35 -10.72 -8.20 -4.50
C VAL A 35 -12.24 -8.12 -4.51
N PRO A 36 -12.93 -8.90 -5.35
CA PRO A 36 -14.39 -8.84 -5.40
C PRO A 36 -15.00 -9.36 -4.11
N PRO A 37 -16.05 -8.71 -3.63
CA PRO A 37 -16.70 -9.17 -2.39
C PRO A 37 -17.30 -10.55 -2.58
N PRO A 38 -17.11 -11.45 -1.61
CA PRO A 38 -17.70 -12.78 -1.73
C PRO A 38 -19.21 -12.70 -1.65
N VAL A 39 -19.87 -13.66 -2.30
CA VAL A 39 -21.32 -13.65 -2.31
C VAL A 39 -21.87 -14.05 -0.94
N MET A 40 -21.12 -14.85 -0.20
CA MET A 40 -21.49 -15.25 1.15
C MET A 40 -20.22 -15.41 1.97
N LEU A 41 -20.24 -14.88 3.18
CA LEU A 41 -19.12 -15.05 4.08
C LEU A 41 -19.13 -16.47 4.65
N LEU A 42 -18.05 -17.16 4.47
CA LEU A 42 -17.74 -18.52 4.90
C LEU A 42 -17.07 -18.50 6.28
N PRO A 43 -17.16 -19.58 7.06
CA PRO A 43 -16.52 -19.57 8.38
C PRO A 43 -15.02 -19.43 8.34
N ASP A 44 -14.41 -19.55 7.16
CA ASP A 44 -12.99 -19.28 7.01
C ASP A 44 -12.70 -17.79 7.00
N ASP A 45 -13.62 -16.98 6.47
CA ASP A 45 -13.44 -15.54 6.48
C ASP A 45 -13.40 -14.97 7.89
N PHE A 46 -13.92 -15.70 8.88
CA PHE A 46 -13.95 -15.27 10.27
C PHE A 46 -12.70 -15.64 11.05
N LYS A 47 -11.76 -16.34 10.43
CA LYS A 47 -10.45 -16.59 11.00
C LYS A 47 -9.33 -16.05 10.12
N ALA A 48 -9.67 -15.28 9.09
CA ALA A 48 -8.71 -14.81 8.10
C ALA A 48 -7.96 -13.59 8.59
N SER A 49 -6.92 -13.22 7.85
CA SER A 49 -6.13 -12.03 8.16
C SER A 49 -5.20 -11.72 7.00
N SER A 50 -4.91 -10.43 6.84
CA SER A 50 -3.95 -9.95 5.86
C SER A 50 -2.85 -9.20 6.61
N LYS A 51 -1.62 -9.68 6.50
CA LYS A 51 -0.49 -8.98 7.10
C LYS A 51 0.48 -8.53 6.01
N ILE A 52 1.29 -7.54 6.37
CA ILE A 52 2.36 -7.06 5.51
C ILE A 52 3.43 -6.43 6.38
N LYS A 53 4.69 -6.77 6.13
CA LYS A 53 5.81 -6.32 6.93
C LYS A 53 6.78 -5.52 6.07
N VAL A 54 7.11 -4.31 6.50
CA VAL A 54 7.93 -3.40 5.73
C VAL A 54 9.32 -3.33 6.35
N ASN A 55 10.36 -3.46 5.53
CA ASN A 55 11.75 -3.42 5.99
C ASN A 55 12.56 -2.57 5.01
N ASN A 56 12.73 -1.30 5.34
CA ASN A 56 13.61 -0.41 4.57
C ASN A 56 14.97 -0.34 5.25
N HIS A 57 16.02 -0.29 4.44
CA HIS A 57 17.39 -0.29 4.93
C HIS A 57 18.17 0.83 4.26
N LEU A 58 18.74 1.74 5.05
CA LEU A 58 19.41 2.92 4.53
C LEU A 58 18.53 3.67 3.53
N PHE A 59 17.24 3.70 3.84
CA PHE A 59 16.24 4.36 3.00
C PHE A 59 15.16 4.87 3.95
N HIS A 60 15.26 6.15 4.33
CA HIS A 60 14.44 6.71 5.39
C HIS A 60 13.31 7.53 4.81
N ARG A 61 12.14 7.43 5.42
CA ARG A 61 10.99 8.26 5.10
C ARG A 61 10.65 9.13 6.31
N GLU A 62 9.93 10.22 6.04
CA GLU A 62 9.69 11.22 7.08
C GLU A 62 8.53 10.82 7.98
N ASN A 63 7.40 10.42 7.38
CA ASN A 63 6.21 10.10 8.16
C ASN A 63 6.22 8.66 8.68
N LEU A 64 6.79 7.73 7.90
CA LEU A 64 6.71 6.38 8.45
C LEU A 64 8.06 5.90 8.95
N PRO A 65 8.05 5.07 9.99
CA PRO A 65 9.31 4.43 10.42
C PRO A 65 9.77 3.42 9.38
N SER A 66 11.05 3.06 9.50
CA SER A 66 11.66 2.18 8.51
C SER A 66 11.35 0.70 8.73
N HIS A 67 10.85 0.32 9.91
CA HIS A 67 10.54 -1.07 10.21
C HIS A 67 9.17 -1.12 10.85
N PHE A 68 8.16 -1.62 10.13
CA PHE A 68 6.86 -1.78 10.76
C PHE A 68 6.11 -2.95 10.12
N LYS A 69 5.08 -3.40 10.81
CA LYS A 69 4.14 -4.41 10.33
C LYS A 69 2.73 -3.85 10.43
N PHE A 70 1.85 -4.40 9.60
CA PHE A 70 0.44 -4.06 9.68
C PHE A 70 -0.38 -5.29 9.32
N LYS A 71 -1.37 -5.58 10.14
CA LYS A 71 -2.27 -6.70 9.90
C LYS A 71 -3.70 -6.19 9.95
N GLU A 72 -4.55 -6.75 9.10
CA GLU A 72 -5.99 -6.53 9.16
C GLU A 72 -6.66 -7.84 9.52
N TYR A 73 -7.62 -7.78 10.44
CA TYR A 73 -8.37 -8.95 10.86
C TYR A 73 -9.63 -9.10 10.03
N CYS A 74 -9.87 -10.32 9.53
CA CYS A 74 -11.07 -10.72 8.80
C CYS A 74 -11.54 -9.65 7.82
N PRO A 75 -10.77 -9.40 6.76
CA PRO A 75 -11.12 -8.29 5.85
C PRO A 75 -12.50 -8.43 5.22
N GLN A 76 -12.83 -9.61 4.73
CA GLN A 76 -14.11 -9.78 4.05
C GLN A 76 -15.27 -9.55 5.00
N VAL A 77 -15.13 -10.01 6.25
CA VAL A 77 -16.19 -9.81 7.24
C VAL A 77 -16.44 -8.32 7.48
N PHE A 78 -15.37 -7.59 7.79
CA PHE A 78 -15.53 -6.18 8.16
C PHE A 78 -15.93 -5.33 6.97
N ARG A 79 -15.45 -5.69 5.79
CA ARG A 79 -15.92 -5.04 4.56
C ARG A 79 -17.43 -5.20 4.41
N ASN A 80 -17.93 -6.42 4.61
CA ASN A 80 -19.37 -6.64 4.54
C ASN A 80 -20.11 -5.87 5.62
N LEU A 81 -19.54 -5.78 6.82
CA LEU A 81 -20.18 -5.04 7.90
C LEU A 81 -20.37 -3.57 7.53
N ARG A 82 -19.31 -2.91 7.04
CA ARG A 82 -19.41 -1.51 6.64
C ARG A 82 -20.55 -1.34 5.64
N ASP A 83 -20.60 -2.21 4.63
CA ASP A 83 -21.68 -2.17 3.66
C ASP A 83 -23.03 -2.17 4.34
N ARG A 84 -23.27 -3.17 5.19
CA ARG A 84 -24.57 -3.28 5.88
C ARG A 84 -24.86 -2.09 6.77
N PHE A 85 -23.84 -1.41 7.27
CA PHE A 85 -24.01 -0.21 8.07
C PHE A 85 -24.14 1.06 7.23
N GLY A 86 -24.01 0.95 5.90
CA GLY A 86 -24.24 2.08 5.04
C GLY A 86 -23.03 2.93 4.71
N ILE A 87 -21.82 2.37 4.78
CA ILE A 87 -20.59 3.13 4.60
C ILE A 87 -19.86 2.59 3.38
N ASP A 88 -19.69 3.45 2.38
CA ASP A 88 -18.88 3.09 1.23
C ASP A 88 -17.41 3.02 1.62
N ASP A 89 -16.71 2.02 1.08
CA ASP A 89 -15.33 1.81 1.45
C ASP A 89 -14.46 3.02 1.14
N GLN A 90 -14.76 3.73 0.04
CA GLN A 90 -14.02 4.95 -0.27
C GLN A 90 -14.35 6.07 0.71
N ASP A 91 -15.58 6.12 1.21
CA ASP A 91 -15.93 7.13 2.21
C ASP A 91 -15.27 6.81 3.54
N TYR A 92 -15.21 5.52 3.89
CA TYR A 92 -14.45 5.09 5.06
C TYR A 92 -13.00 5.56 4.96
N LEU A 93 -12.39 5.42 3.79
CA LEU A 93 -10.98 5.77 3.62
C LEU A 93 -10.75 7.27 3.74
N VAL A 94 -11.55 8.06 3.04
CA VAL A 94 -11.44 9.52 3.15
C VAL A 94 -11.59 9.94 4.61
N SER A 95 -12.55 9.37 5.32
CA SER A 95 -12.83 9.82 6.68
C SER A 95 -11.69 9.53 7.63
N LEU A 96 -10.95 8.44 7.40
CA LEU A 96 -9.85 8.11 8.29
C LEU A 96 -8.53 8.72 7.86
N THR A 97 -8.33 9.02 6.56
CA THR A 97 -7.01 9.36 6.07
C THR A 97 -6.87 10.72 5.40
N ARG A 98 -7.97 11.40 5.05
CA ARG A 98 -7.83 12.69 4.37
C ARG A 98 -7.03 13.67 5.22
N ASN A 99 -7.21 13.61 6.54
CA ASN A 99 -6.51 14.42 7.52
C ASN A 99 -6.28 13.56 8.75
N PRO A 100 -5.24 13.85 9.53
CA PRO A 100 -4.97 13.06 10.73
C PRO A 100 -6.12 13.14 11.71
N PRO A 101 -6.45 12.04 12.38
CA PRO A 101 -7.50 12.09 13.40
C PRO A 101 -7.03 12.89 14.60
N SER A 102 -8.01 13.42 15.34
CA SER A 102 -7.73 14.16 16.54
C SER A 102 -7.72 13.19 17.73
N GLU A 103 -6.85 13.45 18.68
CA GLU A 103 -6.71 12.57 19.83
C GLU A 103 -7.69 12.96 20.92
N SER A 104 -8.25 11.97 21.58
CA SER A 104 -9.14 12.18 22.70
C SER A 104 -8.60 11.42 23.91
N GLU A 105 -8.87 11.95 25.10
CA GLU A 105 -8.45 11.33 26.35
C GLU A 105 -9.65 10.73 27.06
N GLY A 106 -9.37 9.95 28.09
CA GLY A 106 -10.42 9.30 28.86
C GLY A 106 -10.23 7.81 28.95
N SER A 107 -10.10 7.14 27.81
CA SER A 107 -9.98 5.70 27.78
C SER A 107 -8.53 5.27 28.02
N ASP A 108 -8.35 3.96 28.15
CA ASP A 108 -7.09 3.38 28.61
C ASP A 108 -5.91 3.84 27.76
N GLY A 109 -5.89 3.42 26.49
CA GLY A 109 -4.82 3.83 25.60
C GLY A 109 -5.26 4.90 24.63
N ARG A 110 -5.06 4.66 23.34
CA ARG A 110 -5.43 5.66 22.36
C ARG A 110 -6.94 5.69 22.17
N PHE A 111 -7.42 6.85 21.75
CA PHE A 111 -8.82 7.01 21.39
C PHE A 111 -8.87 8.20 20.42
N LEU A 112 -9.01 7.90 19.14
CA LEU A 112 -8.91 8.88 18.08
C LEU A 112 -10.28 9.16 17.48
N ILE A 113 -10.42 10.36 16.93
CA ILE A 113 -11.65 10.80 16.29
C ILE A 113 -11.31 11.32 14.90
N SER A 114 -11.98 10.79 13.89
CA SER A 114 -11.72 11.14 12.51
C SER A 114 -11.93 12.64 12.28
N TYR A 115 -11.28 13.16 11.23
CA TYR A 115 -11.33 14.60 10.98
C TYR A 115 -12.75 15.09 10.72
N ASP A 116 -13.62 14.25 10.13
CA ASP A 116 -15.01 14.61 9.94
C ASP A 116 -15.89 14.19 11.11
N ARG A 117 -15.29 13.66 12.17
CA ARG A 117 -15.98 13.34 13.42
C ARG A 117 -17.09 12.30 13.23
N THR A 118 -17.00 11.49 12.17
CA THR A 118 -17.93 10.39 11.97
C THR A 118 -17.41 9.07 12.49
N LEU A 119 -16.10 8.90 12.61
CA LEU A 119 -15.52 7.61 12.97
C LEU A 119 -14.68 7.75 14.24
N VAL A 120 -14.61 6.65 14.98
CA VAL A 120 -13.84 6.54 16.20
C VAL A 120 -12.86 5.39 16.03
N ILE A 121 -11.66 5.55 16.56
CA ILE A 121 -10.61 4.53 16.52
C ILE A 121 -10.12 4.35 17.96
N LYS A 122 -10.45 3.21 18.56
CA LYS A 122 -10.09 2.94 19.95
C LYS A 122 -9.01 1.87 20.01
N GLU A 123 -8.00 2.10 20.85
CA GLU A 123 -6.99 1.08 21.12
C GLU A 123 -7.54 0.09 22.13
N VAL A 124 -7.46 -1.19 21.78
CA VAL A 124 -7.97 -2.28 22.60
C VAL A 124 -6.81 -3.22 22.91
N SER A 125 -7.07 -4.17 23.80
CA SER A 125 -6.06 -5.12 24.25
C SER A 125 -6.07 -6.37 23.38
N SER A 126 -5.14 -7.29 23.66
CA SER A 126 -5.10 -8.53 22.89
C SER A 126 -6.22 -9.48 23.29
N GLU A 127 -6.68 -9.40 24.53
CA GLU A 127 -7.83 -10.22 24.91
C GLU A 127 -9.11 -9.69 24.29
N ASP A 128 -9.19 -8.38 24.07
CA ASP A 128 -10.33 -7.82 23.35
C ASP A 128 -10.37 -8.34 21.92
N ILE A 129 -9.20 -8.40 21.27
CA ILE A 129 -9.13 -8.95 19.92
C ILE A 129 -9.61 -10.40 19.91
N ALA A 130 -9.25 -11.16 20.95
CA ALA A 130 -9.69 -12.54 21.04
C ALA A 130 -11.19 -12.62 21.31
N ASP A 131 -11.72 -11.68 22.09
CA ASP A 131 -13.15 -11.69 22.37
C ASP A 131 -13.97 -11.39 21.12
N MET A 132 -13.44 -10.55 20.22
CA MET A 132 -14.15 -10.25 18.99
C MET A 132 -14.21 -11.48 18.08
N HIS A 133 -13.10 -12.19 17.99
CA HIS A 133 -13.06 -13.39 17.16
C HIS A 133 -13.99 -14.47 17.70
N SER A 134 -14.08 -14.59 19.03
CA SER A 134 -14.98 -15.54 19.66
C SER A 134 -16.44 -15.25 19.37
N ASN A 135 -16.76 -14.07 18.82
CA ASN A 135 -18.15 -13.74 18.58
C ASN A 135 -18.40 -12.93 17.31
N LEU A 136 -17.44 -12.89 16.39
CA LEU A 136 -17.66 -12.15 15.15
C LEU A 136 -18.80 -12.74 14.34
N SER A 137 -18.81 -14.07 14.21
CA SER A 137 -19.88 -14.74 13.48
C SER A 137 -21.24 -14.46 14.12
N ASN A 138 -21.32 -14.52 15.45
CA ASN A 138 -22.57 -14.21 16.12
C ASN A 138 -22.97 -12.76 15.91
N TYR A 139 -22.00 -11.84 15.99
CA TYR A 139 -22.29 -10.43 15.80
C TYR A 139 -22.75 -10.15 14.38
N HIS A 140 -22.09 -10.75 13.39
CA HIS A 140 -22.48 -10.56 12.00
C HIS A 140 -23.90 -11.09 11.76
N GLN A 141 -24.22 -12.27 12.27
CA GLN A 141 -25.55 -12.83 12.06
C GLN A 141 -26.62 -11.95 12.68
N TYR A 142 -26.27 -11.16 13.72
CA TYR A 142 -27.22 -10.24 14.32
C TYR A 142 -27.37 -8.97 13.50
N ILE A 143 -26.32 -8.56 12.79
CA ILE A 143 -26.43 -7.39 11.94
C ILE A 143 -27.26 -7.72 10.71
N VAL A 144 -27.09 -8.92 10.18
CA VAL A 144 -27.97 -9.41 9.13
C VAL A 144 -29.42 -9.36 9.59
N LYS A 145 -29.69 -9.83 10.80
CA LYS A 145 -31.07 -10.01 11.24
C LYS A 145 -31.77 -8.67 11.49
N CYS A 146 -31.04 -7.68 11.98
CA CYS A 146 -31.67 -6.40 12.30
C CYS A 146 -31.38 -5.35 11.24
N HIS A 147 -30.78 -5.74 10.11
CA HIS A 147 -30.47 -4.83 9.01
C HIS A 147 -29.60 -3.66 9.46
N GLY A 148 -28.75 -3.88 10.46
CA GLY A 148 -27.88 -2.83 10.95
C GLY A 148 -28.54 -1.82 11.86
N ASN A 149 -29.86 -1.78 11.93
CA ASN A 149 -30.55 -0.86 12.84
C ASN A 149 -30.44 -1.41 14.26
N THR A 150 -29.47 -0.89 15.03
CA THR A 150 -29.23 -1.37 16.39
C THR A 150 -28.55 -0.29 17.22
N LEU A 151 -28.55 -0.51 18.53
CA LEU A 151 -27.84 0.35 19.47
C LEU A 151 -26.48 -0.20 19.83
N LEU A 152 -26.13 -1.40 19.36
CA LEU A 152 -24.80 -1.92 19.56
C LEU A 152 -23.80 -1.09 18.75
N PRO A 153 -22.53 -1.09 19.15
CA PRO A 153 -21.53 -0.39 18.35
C PRO A 153 -21.38 -1.06 16.99
N GLN A 154 -21.06 -0.25 15.97
CA GLN A 154 -20.79 -0.73 14.63
C GLN A 154 -19.29 -1.01 14.51
N PHE A 155 -18.90 -2.29 14.56
CA PHE A 155 -17.50 -2.63 14.38
C PHE A 155 -17.19 -2.59 12.89
N LEU A 156 -16.39 -1.59 12.47
CA LEU A 156 -16.13 -1.34 11.07
C LEU A 156 -14.79 -1.87 10.60
N GLY A 157 -13.83 -2.06 11.49
CA GLY A 157 -12.53 -2.57 11.09
C GLY A 157 -11.63 -2.86 12.28
N MET A 158 -10.77 -3.87 12.15
CA MET A 158 -9.98 -4.34 13.28
C MET A 158 -8.56 -4.63 12.81
N TYR A 159 -7.58 -3.94 13.40
CA TYR A 159 -6.23 -3.91 12.86
C TYR A 159 -5.17 -4.04 13.94
N ARG A 160 -4.01 -4.56 13.54
CA ARG A 160 -2.84 -4.65 14.41
C ARG A 160 -1.70 -3.84 13.81
N VAL A 161 -1.11 -2.97 14.62
CA VAL A 161 -0.05 -2.07 14.18
C VAL A 161 1.19 -2.37 15.02
N SER A 162 2.25 -2.85 14.38
CA SER A 162 3.49 -3.19 15.05
C SER A 162 4.52 -2.12 14.71
N VAL A 163 5.05 -1.46 15.75
CA VAL A 163 6.04 -0.41 15.57
C VAL A 163 7.03 -0.49 16.73
N ASP A 164 8.32 -0.38 16.41
CA ASP A 164 9.40 -0.48 17.40
C ASP A 164 9.28 -1.76 18.22
N ASN A 165 8.91 -2.85 17.56
CA ASN A 165 8.70 -4.16 18.19
C ASN A 165 7.68 -4.06 19.34
N GLU A 166 6.55 -3.42 19.04
CA GLU A 166 5.47 -3.27 20.01
C GLU A 166 4.15 -3.25 19.26
N ASP A 167 3.29 -4.23 19.53
CA ASP A 167 2.02 -4.37 18.84
C ASP A 167 0.92 -3.57 19.55
N SER A 168 0.20 -2.75 18.78
CA SER A 168 -1.02 -2.11 19.23
C SER A 168 -2.19 -2.61 18.40
N TYR A 169 -3.36 -2.70 19.03
CA TYR A 169 -4.57 -3.19 18.39
C TYR A 169 -5.57 -2.05 18.26
N MET A 170 -5.97 -1.75 17.03
CA MET A 170 -6.88 -0.66 16.76
C MET A 170 -8.22 -1.23 16.31
N LEU A 171 -9.30 -0.59 16.74
CA LEU A 171 -10.65 -1.00 16.38
C LEU A 171 -11.41 0.25 15.97
N VAL A 172 -11.93 0.26 14.74
CA VAL A 172 -12.64 1.42 14.23
C VAL A 172 -14.14 1.17 14.31
N MET A 173 -14.88 2.25 14.57
CA MET A 173 -16.32 2.15 14.78
C MET A 173 -16.96 3.45 14.35
N ARG A 174 -18.27 3.41 14.12
CA ARG A 174 -19.00 4.65 13.93
C ARG A 174 -19.05 5.43 15.23
N ASN A 175 -18.94 6.75 15.12
CA ASN A 175 -19.04 7.63 16.26
C ASN A 175 -20.49 7.68 16.74
N MET A 176 -20.73 7.28 17.99
CA MET A 176 -22.06 7.42 18.58
C MET A 176 -22.42 8.87 18.86
N PHE A 177 -21.44 9.76 19.02
CA PHE A 177 -21.71 11.17 19.25
C PHE A 177 -21.88 11.88 17.91
N SER A 178 -22.05 13.20 17.95
CA SER A 178 -22.42 13.97 16.77
C SER A 178 -21.21 14.43 15.99
N HIS A 179 -21.33 14.36 14.66
CA HIS A 179 -20.31 14.93 13.80
C HIS A 179 -20.22 16.45 13.93
N ARG A 180 -21.20 17.11 14.56
CA ARG A 180 -21.12 18.57 14.65
C ARG A 180 -21.67 19.16 15.95
N LEU A 181 -22.62 18.49 16.63
CA LEU A 181 -23.16 19.04 17.86
C LEU A 181 -22.30 18.56 19.03
N PRO A 182 -21.60 19.45 19.75
CA PRO A 182 -20.69 18.99 20.80
C PRO A 182 -21.43 18.53 22.05
N VAL A 183 -20.93 17.46 22.65
CA VAL A 183 -21.55 16.91 23.84
C VAL A 183 -21.10 17.69 25.07
N HIS A 184 -22.08 18.15 25.86
CA HIS A 184 -21.81 18.92 27.06
C HIS A 184 -21.87 18.11 28.35
N ARG A 185 -22.57 16.98 28.36
CA ARG A 185 -22.68 16.13 29.53
C ARG A 185 -22.63 14.67 29.10
N LYS A 186 -21.91 13.87 29.89
CA LYS A 186 -21.55 12.51 29.51
C LYS A 186 -21.82 11.58 30.69
N TYR A 187 -22.52 10.48 30.42
CA TYR A 187 -22.74 9.44 31.41
C TYR A 187 -22.41 8.08 30.80
N ASP A 188 -22.22 7.12 31.70
CA ASP A 188 -22.01 5.71 31.35
C ASP A 188 -22.88 4.92 32.33
N LEU A 189 -23.98 4.35 31.85
CA LEU A 189 -25.01 3.84 32.74
C LEU A 189 -25.08 2.31 32.72
N LYS A 190 -25.04 1.72 33.92
CA LYS A 190 -25.03 0.28 34.07
C LYS A 190 -26.25 -0.28 34.79
N GLY A 191 -26.98 0.55 35.55
CA GLY A 191 -28.11 0.04 36.30
C GLY A 191 -27.74 -0.80 37.50
N SER A 192 -26.50 -0.74 37.97
CA SER A 192 -26.03 -1.69 38.97
C SER A 192 -26.35 -1.23 40.40
N LEU A 193 -26.09 -2.13 41.35
CA LEU A 193 -26.34 -1.87 42.78
C LEU A 193 -25.08 -1.42 43.51
N VAL A 194 -24.04 -2.27 43.50
CA VAL A 194 -22.73 -1.85 44.00
C VAL A 194 -22.39 -0.56 43.28
N SER A 195 -22.64 0.57 43.94
CA SER A 195 -22.94 1.81 43.22
C SER A 195 -21.69 2.39 42.56
N ARG A 196 -21.95 3.24 41.59
CA ARG A 196 -20.95 3.79 40.70
C ARG A 196 -21.06 5.29 40.77
N GLU A 197 -20.01 5.93 41.29
CA GLU A 197 -19.87 7.36 41.26
C GLU A 197 -18.62 7.68 40.45
N ALA A 198 -18.68 8.78 39.70
CA ALA A 198 -17.47 9.33 39.13
C ALA A 198 -16.54 9.76 40.26
N SER A 199 -15.28 9.32 40.20
CA SER A 199 -14.30 9.70 41.21
C SER A 199 -14.15 11.22 41.29
N ASP A 200 -13.66 11.68 42.45
CA ASP A 200 -13.22 13.07 42.57
C ASP A 200 -12.26 13.43 41.46
N LYS A 201 -11.29 12.55 41.21
CA LYS A 201 -10.31 12.79 40.15
C LYS A 201 -11.01 12.98 38.80
N GLU A 202 -12.04 12.19 38.53
CA GLU A 202 -12.74 12.29 37.26
C GLU A 202 -13.63 13.53 37.21
N LYS A 203 -14.29 13.85 38.34
CA LYS A 203 -15.36 14.84 38.33
C LYS A 203 -14.87 16.27 38.12
N VAL A 204 -13.60 16.57 38.41
CA VAL A 204 -13.11 17.93 38.24
C VAL A 204 -12.64 18.22 36.82
N LYS A 205 -12.70 17.24 35.92
CA LYS A 205 -12.37 17.49 34.52
C LYS A 205 -13.47 18.33 33.88
N GLU A 206 -13.19 18.79 32.65
CA GLU A 206 -14.16 19.61 31.92
C GLU A 206 -15.37 18.77 31.48
N LEU A 207 -15.12 17.55 31.00
CA LEU A 207 -16.19 16.65 30.57
C LEU A 207 -16.00 15.31 31.26
N PRO A 208 -16.45 15.18 32.49
CA PRO A 208 -16.28 13.90 33.20
C PRO A 208 -17.32 12.90 32.77
N THR A 209 -16.91 11.64 32.67
CA THR A 209 -17.84 10.54 32.43
C THR A 209 -18.54 10.24 33.75
N LEU A 210 -19.78 10.72 33.88
CA LEU A 210 -20.53 10.43 35.08
C LEU A 210 -21.08 9.01 35.02
N LYS A 211 -21.57 8.52 36.15
CA LYS A 211 -22.10 7.16 36.24
C LYS A 211 -23.48 7.16 36.89
N ASP A 212 -24.00 5.96 37.23
CA ASP A 212 -25.38 5.81 37.67
C ASP A 212 -25.74 6.80 38.78
N MET A 213 -24.93 6.83 39.84
CA MET A 213 -25.25 7.65 41.00
C MET A 213 -25.23 9.14 40.67
N ASP A 214 -24.30 9.56 39.82
CA ASP A 214 -24.25 10.97 39.42
C ASP A 214 -25.49 11.34 38.63
N PHE A 215 -25.92 10.45 37.73
CA PHE A 215 -27.19 10.62 37.01
C PHE A 215 -28.33 10.88 37.97
N LEU A 216 -28.50 10.02 38.98
CA LEU A 216 -29.57 10.19 39.96
C LEU A 216 -29.35 11.44 40.79
N ASN A 217 -28.10 11.72 41.17
CA ASN A 217 -27.83 12.86 42.02
C ASN A 217 -28.18 14.17 41.32
N LYS A 218 -28.10 14.17 39.99
CA LYS A 218 -28.40 15.35 39.19
C LYS A 218 -29.86 15.46 38.78
N ASN A 219 -30.70 14.50 39.19
CA ASN A 219 -32.10 14.47 38.77
C ASN A 219 -32.20 14.46 37.25
N GLN A 220 -31.28 13.75 36.61
CA GLN A 220 -31.22 13.73 35.16
C GLN A 220 -32.37 12.90 34.59
N LYS A 221 -33.05 13.45 33.59
CA LYS A 221 -34.07 12.73 32.85
C LYS A 221 -33.88 13.03 31.37
N VAL A 222 -34.36 12.11 30.53
CA VAL A 222 -34.23 12.22 29.08
C VAL A 222 -35.64 12.34 28.50
N TYR A 223 -35.92 13.47 27.84
CA TYR A 223 -37.26 13.78 27.35
C TYR A 223 -37.31 13.61 25.83
N ILE A 224 -37.84 12.49 25.35
CA ILE A 224 -37.85 12.21 23.91
C ILE A 224 -39.24 11.96 23.34
N GLY A 225 -40.28 11.88 24.14
CA GLY A 225 -41.52 11.62 23.43
C GLY A 225 -41.82 10.14 23.29
N GLU A 226 -43.11 9.80 23.34
CA GLU A 226 -43.50 8.43 23.63
C GLU A 226 -43.24 7.48 22.45
N GLU A 227 -43.34 7.95 21.20
CA GLU A 227 -43.06 7.05 20.10
C GLU A 227 -41.57 6.69 20.04
N GLU A 228 -40.71 7.72 20.02
CA GLU A 228 -39.27 7.47 20.05
C GLU A 228 -38.87 6.64 21.26
N LYS A 229 -39.50 6.91 22.41
CA LYS A 229 -39.24 6.09 23.59
C LYS A 229 -39.55 4.61 23.32
N LYS A 230 -40.68 4.33 22.64
CA LYS A 230 -41.07 2.95 22.37
C LYS A 230 -40.09 2.28 21.41
N ILE A 231 -39.73 2.96 20.33
CA ILE A 231 -38.78 2.39 19.37
C ILE A 231 -37.43 2.15 20.02
N PHE A 232 -36.99 3.07 20.87
CA PHE A 232 -35.66 2.93 21.49
C PHE A 232 -35.64 1.79 22.51
N LEU A 233 -36.71 1.64 23.30
CA LEU A 233 -36.72 0.60 24.31
C LEU A 233 -36.89 -0.79 23.71
N GLU A 234 -37.71 -0.91 22.66
CA GLU A 234 -37.87 -2.21 22.01
C GLU A 234 -36.59 -2.62 21.28
N LYS A 235 -35.89 -1.65 20.71
CA LYS A 235 -34.55 -1.90 20.17
C LYS A 235 -33.59 -2.32 21.28
N LEU A 236 -33.52 -1.54 22.36
CA LEU A 236 -32.62 -1.87 23.46
C LEU A 236 -32.91 -3.27 24.01
N LYS A 237 -34.19 -3.64 24.10
CA LYS A 237 -34.58 -4.95 24.61
C LYS A 237 -34.09 -6.08 23.69
N ARG A 238 -34.28 -5.93 22.39
CA ARG A 238 -33.76 -6.92 21.43
C ARG A 238 -32.24 -7.06 21.55
N ASP A 239 -31.52 -5.93 21.54
CA ASP A 239 -30.06 -5.97 21.56
C ASP A 239 -29.56 -6.68 22.82
N VAL A 240 -30.16 -6.36 23.95
CA VAL A 240 -29.78 -6.98 25.22
C VAL A 240 -30.03 -8.49 25.18
N GLU A 241 -31.18 -8.91 24.65
CA GLU A 241 -31.48 -10.34 24.58
C GLU A 241 -30.45 -11.08 23.74
N PHE A 242 -29.95 -10.43 22.69
CA PHE A 242 -28.85 -10.98 21.90
C PHE A 242 -27.61 -11.18 22.76
N LEU A 243 -27.28 -10.19 23.59
CA LEU A 243 -26.09 -10.32 24.44
C LEU A 243 -26.32 -11.37 25.52
N VAL A 244 -27.51 -11.39 26.11
CA VAL A 244 -27.83 -12.40 27.13
C VAL A 244 -27.63 -13.80 26.56
N GLN A 245 -28.15 -14.04 25.35
CA GLN A 245 -27.99 -15.35 24.72
C GLN A 245 -26.53 -15.73 24.57
N LEU A 246 -25.66 -14.76 24.31
CA LEU A 246 -24.22 -14.99 24.27
C LEU A 246 -23.59 -15.02 25.65
N LYS A 247 -24.40 -14.95 26.72
CA LYS A 247 -23.92 -14.99 28.11
C LYS A 247 -23.01 -13.80 28.42
N ILE A 248 -23.43 -12.62 27.98
CA ILE A 248 -22.65 -11.40 28.10
C ILE A 248 -23.25 -10.54 29.20
N MET A 249 -22.40 -9.79 29.91
CA MET A 249 -22.86 -8.81 30.87
C MET A 249 -21.77 -7.77 31.06
N ASP A 250 -22.03 -6.82 31.95
CA ASP A 250 -21.12 -5.72 32.29
C ASP A 250 -21.01 -4.70 31.17
N TYR A 251 -22.03 -4.61 30.32
CA TYR A 251 -22.07 -3.58 29.28
C TYR A 251 -22.67 -2.30 29.84
N SER A 252 -22.64 -1.24 29.04
CA SER A 252 -23.06 0.08 29.50
C SER A 252 -23.83 0.78 28.40
N LEU A 253 -24.73 1.70 28.80
CA LEU A 253 -25.25 2.69 27.87
C LEU A 253 -24.38 3.94 27.95
N LEU A 254 -23.81 4.35 26.81
CA LEU A 254 -23.21 5.67 26.71
C LEU A 254 -24.33 6.67 26.43
N LEU A 255 -24.44 7.69 27.27
CA LEU A 255 -25.43 8.76 27.08
C LEU A 255 -24.69 10.08 27.02
N GLY A 256 -24.77 10.75 25.87
CA GLY A 256 -24.31 12.12 25.73
C GLY A 256 -25.50 13.05 25.63
N ILE A 257 -25.30 14.31 26.00
CA ILE A 257 -26.35 15.33 25.98
C ILE A 257 -25.75 16.61 25.44
N HIS A 258 -26.31 17.10 24.33
CA HIS A 258 -25.94 18.38 23.76
C HIS A 258 -26.97 19.43 24.17
N ASP A 259 -26.51 20.52 24.78
CA ASP A 259 -27.36 21.66 25.14
C ASP A 259 -27.55 22.54 23.91
N ILE A 260 -28.80 22.71 23.48
CA ILE A 260 -29.06 23.38 22.20
C ILE A 260 -28.75 24.87 22.31
N ILE A 261 -29.25 25.54 23.35
CA ILE A 261 -29.02 26.98 23.41
C ILE A 261 -27.54 27.28 23.63
N ARG A 262 -26.81 26.38 24.32
CA ARG A 262 -25.36 26.53 24.40
C ARG A 262 -24.70 26.33 23.05
N GLY A 263 -25.30 25.51 22.18
CA GLY A 263 -24.94 25.44 20.77
C GLY A 263 -23.58 24.81 20.49
N SER A 264 -23.23 24.82 19.21
CA SER A 264 -21.89 24.49 18.76
C SER A 264 -21.12 25.79 18.61
N GLU A 265 -19.93 25.73 18.02
CA GLU A 265 -19.25 26.94 17.60
C GLU A 265 -19.90 27.44 16.32
N PRO A 266 -19.58 28.67 15.86
CA PRO A 266 -20.14 29.14 14.59
C PRO A 266 -19.88 28.19 13.42
N GLU A 267 -20.58 27.03 13.46
CA GLU A 267 -20.57 25.99 12.43
C GLU A 267 -22.02 25.50 12.31
N GLU A 268 -22.82 26.24 11.55
CA GLU A 268 -24.25 25.96 11.47
C GLU A 268 -24.87 26.45 10.16
N GLU A 276 -26.84 18.76 7.53
CA GLU A 276 -27.26 18.06 6.33
C GLU A 276 -26.14 17.14 5.80
N SER A 277 -24.90 17.42 6.21
CA SER A 277 -23.74 16.73 5.65
C SER A 277 -23.67 15.26 6.06
N PHE A 278 -23.95 14.95 7.32
CA PHE A 278 -23.89 13.58 7.80
C PHE A 278 -25.07 13.30 8.71
N ILE A 279 -25.36 12.02 8.91
CA ILE A 279 -26.44 11.57 9.79
C ILE A 279 -25.83 11.00 11.06
N ASP A 280 -26.19 11.59 12.20
CA ASP A 280 -25.81 11.05 13.50
C ASP A 280 -26.75 9.89 13.81
N VAL A 281 -26.24 8.67 13.66
CA VAL A 281 -27.09 7.49 13.70
C VAL A 281 -27.71 7.31 15.06
N TYR A 282 -27.03 7.74 16.12
CA TYR A 282 -27.46 7.46 17.48
C TYR A 282 -28.12 8.66 18.14
N ALA A 283 -28.56 9.65 17.37
CA ALA A 283 -29.12 10.86 17.95
C ALA A 283 -30.65 10.77 18.04
N ILE A 284 -31.20 11.42 19.07
CA ILE A 284 -32.63 11.63 19.23
C ILE A 284 -32.83 13.02 19.80
N ARG A 285 -33.63 13.85 19.12
CA ARG A 285 -33.96 15.19 19.58
C ARG A 285 -34.93 15.13 20.76
N SER A 286 -34.92 16.19 21.57
CA SER A 286 -35.77 16.23 22.75
C SER A 286 -37.23 16.43 22.37
N ALA A 287 -38.12 16.04 23.28
CA ALA A 287 -39.55 16.15 23.03
C ALA A 287 -39.99 17.61 23.01
N GLU A 288 -41.08 17.88 22.28
CA GLU A 288 -41.54 19.26 22.11
C GLU A 288 -41.94 19.88 23.44
N GLY A 289 -42.34 19.07 24.41
CA GLY A 289 -42.64 19.58 25.73
C GLY A 289 -41.52 19.48 26.73
N ALA A 290 -40.30 19.15 26.29
CA ALA A 290 -39.19 19.00 27.21
C ALA A 290 -38.90 20.34 27.89
N PRO A 291 -38.45 20.31 29.15
CA PRO A 291 -38.05 21.55 29.81
C PRO A 291 -36.80 22.18 29.19
N GLN A 292 -35.98 21.39 28.52
CA GLN A 292 -34.76 21.88 27.87
C GLN A 292 -34.67 21.32 26.47
N LYS A 293 -34.35 22.18 25.51
CA LYS A 293 -34.09 21.75 24.14
C LYS A 293 -32.71 21.12 24.09
N GLU A 294 -32.65 19.81 23.86
CA GLU A 294 -31.36 19.13 23.85
C GLU A 294 -31.40 17.98 22.84
N VAL A 295 -30.21 17.47 22.51
CA VAL A 295 -30.04 16.32 21.64
C VAL A 295 -29.32 15.24 22.43
N TYR A 296 -29.89 14.03 22.44
CA TYR A 296 -29.32 12.89 23.14
C TYR A 296 -28.62 11.96 22.16
N PHE A 297 -27.60 11.26 22.67
CA PHE A 297 -26.86 10.27 21.89
C PHE A 297 -26.68 9.04 22.76
N MET A 298 -27.20 7.89 22.31
CA MET A 298 -27.25 6.73 23.18
C MET A 298 -26.81 5.48 22.43
N GLY A 299 -26.03 4.65 23.12
CA GLY A 299 -25.49 3.45 22.53
C GLY A 299 -24.92 2.51 23.58
N LEU A 300 -24.97 1.20 23.30
CA LEU A 300 -24.33 0.22 24.16
C LEU A 300 -22.84 0.22 23.87
N ILE A 301 -22.02 0.25 24.93
CA ILE A 301 -20.58 0.15 24.78
C ILE A 301 -20.10 -0.98 25.69
N ASP A 302 -18.91 -1.49 25.37
CA ASP A 302 -18.28 -2.54 26.15
C ASP A 302 -19.18 -3.77 26.25
N ILE A 303 -19.67 -4.20 25.10
CA ILE A 303 -20.33 -5.50 24.98
C ILE A 303 -19.19 -6.52 24.87
N LEU A 304 -19.52 -7.77 24.56
CA LEU A 304 -18.50 -8.80 24.33
C LEU A 304 -17.75 -9.23 25.59
N THR A 305 -18.35 -9.11 26.78
CA THR A 305 -17.71 -9.57 28.02
C THR A 305 -18.49 -10.74 28.60
N GLN A 306 -17.90 -11.92 28.57
CA GLN A 306 -18.56 -13.14 29.02
C GLN A 306 -18.72 -13.14 30.55
N TYR A 307 -19.67 -13.97 31.01
CA TYR A 307 -19.97 -14.02 32.44
C TYR A 307 -18.78 -14.52 33.25
N ASP A 308 -17.94 -15.37 32.67
CA ASP A 308 -16.85 -15.98 33.40
C ASP A 308 -15.85 -14.95 33.88
N ALA A 309 -15.82 -14.73 35.19
CA ALA A 309 -14.93 -13.77 35.83
C ALA A 309 -14.38 -14.37 37.11
N LYS A 310 -13.08 -14.20 37.32
CA LYS A 310 -12.42 -14.69 38.53
C LYS A 310 -12.45 -13.59 39.58
N LYS A 311 -13.04 -13.90 40.74
CA LYS A 311 -13.32 -12.90 41.78
C LYS A 311 -12.08 -12.16 42.24
N VAL A 331 -23.66 -12.23 39.73
CA VAL A 331 -24.70 -11.73 38.85
C VAL A 331 -24.65 -12.48 37.52
N HIS A 332 -25.73 -13.14 37.17
CA HIS A 332 -25.81 -13.84 35.90
C HIS A 332 -26.22 -12.87 34.79
N PRO A 333 -25.89 -13.19 33.53
CA PRO A 333 -26.29 -12.32 32.42
C PRO A 333 -27.77 -11.99 32.39
N GLU A 334 -28.63 -12.94 32.79
CA GLU A 334 -30.07 -12.69 32.79
C GLU A 334 -30.44 -11.61 33.83
N GLN A 335 -29.80 -11.64 34.99
CA GLN A 335 -30.12 -10.64 36.02
C GLN A 335 -29.50 -9.29 35.69
N TYR A 336 -28.26 -9.28 35.20
CA TYR A 336 -27.64 -8.03 34.75
C TYR A 336 -28.53 -7.33 33.73
N ALA A 337 -29.09 -8.08 32.78
CA ALA A 337 -29.90 -7.48 31.73
C ALA A 337 -31.17 -6.86 32.28
N LYS A 338 -31.94 -7.65 33.06
CA LYS A 338 -33.20 -7.18 33.62
C LYS A 338 -33.02 -5.90 34.43
N ARG A 339 -31.97 -5.85 35.24
CA ARG A 339 -31.67 -4.64 36.00
C ARG A 339 -31.28 -3.49 35.07
N PHE A 340 -30.44 -3.78 34.07
CA PHE A 340 -30.05 -2.76 33.11
C PHE A 340 -31.27 -2.16 32.42
N LEU A 341 -32.16 -3.01 31.91
CA LEU A 341 -33.30 -2.53 31.14
C LEU A 341 -34.23 -1.71 32.02
N ASP A 342 -34.40 -2.11 33.28
CA ASP A 342 -35.31 -1.40 34.18
C ASP A 342 -34.75 -0.03 34.56
N PHE A 343 -33.43 0.06 34.76
CA PHE A 343 -32.82 1.35 35.03
C PHE A 343 -32.96 2.30 33.85
N ILE A 344 -32.62 1.82 32.65
CA ILE A 344 -32.67 2.67 31.46
C ILE A 344 -34.10 3.10 31.17
N THR A 345 -35.06 2.19 31.35
CA THR A 345 -36.46 2.52 31.12
C THR A 345 -36.88 3.72 31.96
N ASN A 346 -36.30 3.89 33.15
CA ASN A 346 -36.71 4.95 34.06
C ASN A 346 -35.93 6.25 33.89
N ILE A 347 -34.84 6.25 33.11
CA ILE A 347 -34.18 7.53 32.80
C ILE A 347 -35.04 8.41 31.93
N PHE A 348 -36.09 7.86 31.31
CA PHE A 348 -36.97 8.60 30.40
C PHE A 348 -38.06 9.33 31.16
N ALA A 349 -38.42 10.50 30.66
CA ALA A 349 -39.55 11.27 31.20
C ALA A 349 -40.12 12.18 30.10
N PHE B 11 -1.20 -24.73 -13.82
CA PHE B 11 -0.52 -23.78 -12.95
C PHE B 11 -0.07 -22.53 -13.71
N ARG B 12 -0.12 -22.60 -15.03
CA ARG B 12 0.55 -21.62 -15.88
C ARG B 12 -0.42 -20.62 -16.50
N ALA B 13 -1.03 -19.78 -15.68
CA ALA B 13 -2.07 -18.89 -16.15
C ALA B 13 -1.74 -17.41 -15.93
N ASP B 15 0.59 -15.89 -14.56
CA ASP B 15 1.89 -16.13 -13.95
C ASP B 15 2.09 -15.24 -12.72
N PRO B 16 2.46 -15.87 -11.59
CA PRO B 16 2.61 -15.09 -10.35
C PRO B 16 3.87 -14.23 -10.33
N LEU B 17 4.96 -14.74 -10.91
CA LEU B 17 6.20 -13.96 -10.95
C LEU B 17 5.97 -12.60 -11.59
N VAL B 18 5.37 -12.58 -12.78
CA VAL B 18 4.99 -11.32 -13.40
C VAL B 18 3.95 -10.61 -12.55
N GLY B 19 2.97 -11.35 -12.03
CA GLY B 19 1.90 -10.71 -11.27
C GLY B 19 2.40 -10.06 -10.00
N VAL B 20 3.38 -10.67 -9.35
CA VAL B 20 3.97 -10.05 -8.16
C VAL B 20 4.89 -8.90 -8.54
N PHE B 21 5.76 -9.12 -9.53
CA PHE B 21 6.65 -8.07 -10.01
C PHE B 21 5.89 -6.80 -10.34
N LEU B 22 4.76 -6.93 -11.05
CA LEU B 22 3.98 -5.76 -11.39
C LEU B 22 3.24 -5.19 -10.19
N TRP B 23 2.91 -6.03 -9.20
CA TRP B 23 2.38 -5.49 -7.96
C TRP B 23 3.44 -4.72 -7.20
N GLY B 24 4.67 -5.22 -7.20
CA GLY B 24 5.74 -4.54 -6.49
C GLY B 24 6.13 -3.21 -7.11
N VAL B 25 6.10 -3.13 -8.44
CA VAL B 25 6.49 -1.90 -9.13
C VAL B 25 5.50 -0.78 -8.84
N ALA B 26 4.20 -1.08 -8.91
CA ALA B 26 3.20 -0.09 -8.56
C ALA B 26 3.32 0.32 -7.10
N HIS B 27 3.57 -0.65 -6.23
CA HIS B 27 3.70 -0.34 -4.80
C HIS B 27 4.91 0.52 -4.53
N SER B 28 6.00 0.31 -5.27
CA SER B 28 7.21 1.11 -5.06
C SER B 28 7.03 2.52 -5.58
N ILE B 29 6.53 2.66 -6.83
CA ILE B 29 6.36 3.98 -7.42
C ILE B 29 5.31 4.78 -6.65
N ASN B 30 4.36 4.10 -6.01
CA ASN B 30 3.43 4.81 -5.14
C ASN B 30 4.12 5.28 -3.87
N GLU B 31 4.98 4.43 -3.29
CA GLU B 31 5.73 4.82 -2.11
C GLU B 31 6.72 5.93 -2.45
N LEU B 32 7.33 5.87 -3.64
CA LEU B 32 8.34 6.85 -4.03
C LEU B 32 7.74 8.21 -4.34
N SER B 33 6.45 8.29 -4.67
CA SER B 33 5.80 9.58 -4.82
C SER B 33 5.68 10.32 -3.49
N GLN B 34 5.81 9.61 -2.36
CA GLN B 34 5.71 10.26 -1.05
C GLN B 34 7.05 10.54 -0.41
N VAL B 35 8.16 10.12 -1.02
CA VAL B 35 9.49 10.47 -0.55
C VAL B 35 10.09 11.46 -1.53
N PRO B 36 10.42 12.68 -1.11
CA PRO B 36 10.98 13.67 -2.02
C PRO B 36 12.31 13.19 -2.59
N PRO B 37 12.52 13.35 -3.90
CA PRO B 37 13.77 12.92 -4.50
C PRO B 37 14.92 13.81 -4.07
N PRO B 38 16.03 13.23 -3.64
CA PRO B 38 17.16 14.05 -3.18
C PRO B 38 17.83 14.76 -4.34
N VAL B 39 18.64 15.74 -3.99
CA VAL B 39 19.45 16.43 -5.00
C VAL B 39 20.81 15.78 -5.15
N MET B 40 21.35 15.18 -4.08
CA MET B 40 22.64 14.51 -4.12
C MET B 40 22.54 13.16 -3.43
N LEU B 41 23.35 12.21 -3.89
CA LEU B 41 23.34 10.85 -3.38
C LEU B 41 24.48 10.63 -2.38
N LEU B 42 24.27 9.70 -1.47
CA LEU B 42 25.25 9.31 -0.46
C LEU B 42 25.70 7.88 -0.70
N PRO B 43 26.87 7.50 -0.18
CA PRO B 43 27.32 6.10 -0.32
C PRO B 43 26.33 5.10 0.27
N ASP B 44 25.49 5.52 1.22
CA ASP B 44 24.49 4.63 1.77
C ASP B 44 23.42 4.28 0.75
N ASP B 45 23.04 5.24 -0.10
CA ASP B 45 22.03 4.99 -1.12
C ASP B 45 22.43 3.90 -2.09
N PHE B 46 23.73 3.61 -2.22
CA PHE B 46 24.21 2.55 -3.09
C PHE B 46 24.25 1.20 -2.40
N LYS B 47 23.98 1.15 -1.10
CA LYS B 47 23.83 -0.10 -0.37
C LYS B 47 22.43 -0.28 0.18
N ALA B 48 21.52 0.65 -0.12
CA ALA B 48 20.17 0.63 0.42
C ALA B 48 19.30 -0.39 -0.32
N SER B 49 18.09 -0.60 0.23
CA SER B 49 17.13 -1.55 -0.31
C SER B 49 15.79 -1.33 0.38
N SER B 50 14.72 -1.77 -0.28
CA SER B 50 13.36 -1.68 0.25
C SER B 50 12.69 -3.03 0.11
N LYS B 51 12.35 -3.66 1.23
CA LYS B 51 11.82 -5.01 1.26
C LYS B 51 10.42 -5.02 1.84
N ILE B 52 9.55 -5.81 1.23
CA ILE B 52 8.15 -5.94 1.63
C ILE B 52 7.77 -7.42 1.56
N LYS B 53 7.12 -7.92 2.61
CA LYS B 53 6.70 -9.31 2.68
C LYS B 53 5.20 -9.36 2.92
N VAL B 54 4.48 -10.07 2.05
CA VAL B 54 3.03 -10.23 2.16
C VAL B 54 2.75 -11.67 2.57
N ASN B 55 1.88 -11.82 3.57
CA ASN B 55 1.45 -13.14 4.03
C ASN B 55 -0.02 -13.03 4.41
N ASN B 56 -0.90 -13.55 3.55
CA ASN B 56 -2.33 -13.59 3.80
C ASN B 56 -2.75 -15.01 4.21
N HIS B 57 -3.78 -15.09 5.04
CA HIS B 57 -4.20 -16.33 5.67
C HIS B 57 -5.71 -16.48 5.51
N LEU B 58 -6.13 -17.51 4.77
CA LEU B 58 -7.53 -17.69 4.37
C LEU B 58 -8.10 -16.44 3.69
N PHE B 59 -7.21 -15.63 3.14
CA PHE B 59 -7.58 -14.50 2.30
C PHE B 59 -7.11 -14.81 0.89
N HIS B 60 -7.96 -14.57 -0.11
CA HIS B 60 -7.65 -15.03 -1.46
C HIS B 60 -7.83 -13.91 -2.47
N ARG B 61 -6.83 -13.78 -3.34
CA ARG B 61 -6.83 -12.82 -4.44
C ARG B 61 -6.44 -13.55 -5.72
N GLU B 62 -6.86 -12.99 -6.86
CA GLU B 62 -6.70 -13.68 -8.14
C GLU B 62 -5.26 -13.65 -8.62
N ASN B 63 -4.77 -12.46 -8.98
CA ASN B 63 -3.41 -12.35 -9.53
C ASN B 63 -2.37 -12.83 -8.53
N LEU B 64 -2.27 -12.16 -7.42
CA LEU B 64 -1.21 -12.39 -6.45
C LEU B 64 -1.47 -13.70 -5.69
N PRO B 65 -0.41 -14.48 -5.42
CA PRO B 65 -0.58 -15.63 -4.52
C PRO B 65 -0.90 -15.19 -3.10
N SER B 66 -0.85 -16.10 -2.15
CA SER B 66 -1.10 -15.73 -0.77
C SER B 66 0.14 -15.25 -0.05
N HIS B 67 1.33 -15.61 -0.54
CA HIS B 67 2.59 -15.31 0.14
C HIS B 67 3.64 -14.94 -0.89
N PHE B 68 4.27 -13.78 -0.72
CA PHE B 68 5.37 -13.39 -1.58
C PHE B 68 6.19 -12.31 -0.91
N LYS B 69 7.33 -11.99 -1.53
CA LYS B 69 8.25 -10.93 -1.14
C LYS B 69 8.60 -10.08 -2.34
N PHE B 70 8.84 -8.79 -2.11
CA PHE B 70 9.30 -7.89 -3.16
C PHE B 70 10.38 -6.97 -2.58
N LYS B 71 11.55 -6.96 -3.22
CA LYS B 71 12.69 -6.18 -2.75
C LYS B 71 13.18 -5.30 -3.89
N GLU B 72 13.27 -3.99 -3.64
CA GLU B 72 13.86 -3.07 -4.58
C GLU B 72 15.25 -2.67 -4.12
N TYR B 73 16.20 -2.67 -5.05
CA TYR B 73 17.59 -2.34 -4.75
C TYR B 73 17.86 -0.87 -5.01
N CYS B 74 18.51 -0.22 -4.04
CA CYS B 74 18.94 1.18 -4.09
C CYS B 74 17.87 2.05 -4.73
N PRO B 75 16.71 2.21 -4.10
CA PRO B 75 15.61 2.95 -4.75
C PRO B 75 15.97 4.37 -5.14
N GLN B 76 16.80 5.06 -4.35
CA GLN B 76 17.12 6.45 -4.67
C GLN B 76 18.02 6.55 -5.90
N VAL B 77 18.91 5.58 -6.09
CA VAL B 77 19.84 5.64 -7.21
C VAL B 77 19.09 5.48 -8.53
N PHE B 78 18.38 4.37 -8.70
CA PHE B 78 17.73 4.10 -9.98
C PHE B 78 16.68 5.15 -10.29
N ARG B 79 15.98 5.63 -9.25
CA ARG B 79 15.07 6.77 -9.41
C ARG B 79 15.80 7.97 -10.00
N ASN B 80 16.99 8.25 -9.50
CA ASN B 80 17.81 9.32 -10.07
C ASN B 80 18.23 9.00 -11.50
N LEU B 81 18.53 7.72 -11.76
CA LEU B 81 18.94 7.33 -13.11
C LEU B 81 17.79 7.47 -14.10
N ARG B 82 16.56 7.17 -13.67
CA ARG B 82 15.41 7.41 -14.53
C ARG B 82 15.23 8.90 -14.81
N ASP B 83 15.55 9.75 -13.82
CA ASP B 83 15.50 11.19 -14.04
C ASP B 83 16.55 11.63 -15.04
N ARG B 84 17.80 11.21 -14.85
CA ARG B 84 18.88 11.59 -15.74
C ARG B 84 18.70 11.04 -17.15
N PHE B 85 17.92 9.97 -17.31
CA PHE B 85 17.61 9.43 -18.63
C PHE B 85 16.33 9.99 -19.20
N GLY B 86 15.75 11.02 -18.58
CA GLY B 86 14.59 11.69 -19.12
C GLY B 86 13.29 10.96 -18.94
N ILE B 87 13.19 10.05 -17.98
CA ILE B 87 12.01 9.25 -17.74
C ILE B 87 11.36 9.69 -16.43
N ASP B 88 10.12 10.15 -16.51
CA ASP B 88 9.37 10.45 -15.31
C ASP B 88 8.91 9.15 -14.65
N ASP B 89 8.84 9.18 -13.31
CA ASP B 89 8.46 7.99 -12.56
C ASP B 89 7.06 7.51 -12.94
N GLN B 90 6.12 8.45 -13.10
CA GLN B 90 4.77 8.05 -13.47
C GLN B 90 4.73 7.43 -14.86
N ASP B 91 5.49 7.99 -15.80
CA ASP B 91 5.56 7.39 -17.13
C ASP B 91 6.27 6.04 -17.08
N TYR B 92 7.17 5.87 -16.13
CA TYR B 92 7.78 4.56 -15.89
C TYR B 92 6.72 3.60 -15.34
N LEU B 93 5.86 4.10 -14.46
CA LEU B 93 4.83 3.26 -13.85
C LEU B 93 3.78 2.84 -14.87
N VAL B 94 3.24 3.80 -15.62
CA VAL B 94 2.29 3.44 -16.67
C VAL B 94 2.92 2.43 -17.63
N SER B 95 4.22 2.60 -17.90
CA SER B 95 4.86 1.82 -18.94
C SER B 95 4.91 0.33 -18.60
N LEU B 96 5.17 0.01 -17.34
CA LEU B 96 5.34 -1.39 -16.95
C LEU B 96 4.03 -2.08 -16.57
N THR B 97 3.06 -1.33 -16.07
CA THR B 97 1.95 -1.95 -15.35
C THR B 97 0.59 -1.81 -16.00
N ARG B 98 0.36 -0.76 -16.80
CA ARG B 98 -1.01 -0.51 -17.27
C ARG B 98 -1.52 -1.63 -18.17
N ASN B 99 -0.62 -2.32 -18.87
CA ASN B 99 -1.00 -3.51 -19.59
C ASN B 99 0.18 -4.48 -19.49
N PRO B 100 -0.10 -5.77 -19.40
CA PRO B 100 0.97 -6.73 -19.08
C PRO B 100 2.06 -6.67 -20.13
N PRO B 101 3.32 -6.88 -19.74
CA PRO B 101 4.39 -6.94 -20.73
C PRO B 101 4.37 -8.26 -21.48
N SER B 102 4.54 -8.17 -22.79
CA SER B 102 4.61 -9.35 -23.64
C SER B 102 5.96 -10.02 -23.46
N GLU B 103 5.97 -11.34 -23.42
CA GLU B 103 7.23 -12.06 -23.22
C GLU B 103 7.98 -12.26 -24.54
N SER B 104 9.25 -12.60 -24.42
CA SER B 104 10.07 -13.02 -25.55
C SER B 104 10.70 -14.38 -25.21
N GLU B 105 10.92 -15.20 -26.23
CA GLU B 105 11.50 -16.54 -26.06
C GLU B 105 13.00 -16.55 -26.37
N GLY B 106 13.65 -15.40 -26.26
CA GLY B 106 15.08 -15.37 -25.99
C GLY B 106 15.34 -15.97 -24.63
N SER B 107 15.66 -17.27 -24.61
CA SER B 107 15.46 -18.08 -23.41
C SER B 107 16.56 -17.87 -22.35
N ASP B 108 16.80 -18.90 -21.54
CA ASP B 108 17.69 -18.84 -20.38
C ASP B 108 17.34 -17.63 -19.50
N GLY B 109 16.17 -17.74 -18.90
CA GLY B 109 15.56 -16.68 -18.15
C GLY B 109 14.43 -16.02 -18.94
N ARG B 110 13.65 -15.23 -18.23
CA ARG B 110 12.53 -14.53 -18.86
C ARG B 110 13.01 -13.18 -19.41
N PHE B 111 12.29 -12.68 -20.42
CA PHE B 111 12.69 -11.45 -21.10
C PHE B 111 11.40 -10.81 -21.61
N LEU B 112 10.94 -9.78 -20.91
CA LEU B 112 9.65 -9.18 -21.15
C LEU B 112 9.84 -7.78 -21.75
N ILE B 113 8.91 -7.40 -22.63
CA ILE B 113 8.89 -6.08 -23.25
C ILE B 113 7.56 -5.42 -22.89
N SER B 114 7.63 -4.19 -22.39
CA SER B 114 6.44 -3.44 -22.00
C SER B 114 5.39 -3.42 -23.11
N TYR B 115 4.13 -3.22 -22.73
CA TYR B 115 3.11 -2.97 -23.74
C TYR B 115 3.51 -1.82 -24.65
N ASP B 116 4.23 -0.82 -24.11
CA ASP B 116 4.65 0.31 -24.92
C ASP B 116 5.68 -0.08 -25.97
N ARG B 117 6.47 -1.11 -25.68
CA ARG B 117 7.73 -1.42 -26.36
C ARG B 117 8.85 -0.44 -26.00
N THR B 118 8.64 0.41 -25.00
CA THR B 118 9.66 1.40 -24.63
C THR B 118 10.67 0.86 -23.62
N LEU B 119 10.30 -0.12 -22.80
CA LEU B 119 11.18 -0.64 -21.77
C LEU B 119 11.26 -2.16 -21.86
N VAL B 120 12.37 -2.69 -21.35
CA VAL B 120 12.67 -4.13 -21.38
C VAL B 120 12.86 -4.60 -19.95
N ILE B 121 12.37 -5.80 -19.66
CA ILE B 121 12.50 -6.40 -18.33
C ILE B 121 13.17 -7.75 -18.52
N LYS B 122 14.41 -7.87 -18.03
CA LYS B 122 15.19 -9.08 -18.23
C LYS B 122 15.49 -9.72 -16.88
N GLU B 123 15.24 -11.03 -16.79
CA GLU B 123 15.65 -11.78 -15.61
C GLU B 123 17.16 -12.00 -15.64
N VAL B 124 17.80 -11.85 -14.48
CA VAL B 124 19.25 -11.98 -14.36
C VAL B 124 19.57 -12.78 -13.10
N SER B 125 20.85 -13.09 -12.93
CA SER B 125 21.31 -13.98 -11.87
C SER B 125 21.66 -13.21 -10.61
N SER B 126 21.94 -13.96 -9.54
CA SER B 126 22.31 -13.36 -8.26
C SER B 126 23.72 -12.78 -8.27
N GLU B 127 24.58 -13.22 -9.18
CA GLU B 127 25.92 -12.67 -9.30
C GLU B 127 25.94 -11.43 -10.20
N ASP B 128 25.02 -11.33 -11.15
CA ASP B 128 24.85 -10.08 -11.88
C ASP B 128 24.35 -8.98 -10.95
N ILE B 129 23.49 -9.34 -9.98
CA ILE B 129 23.08 -8.41 -8.94
C ILE B 129 24.28 -7.96 -8.13
N ALA B 130 25.15 -8.90 -7.76
CA ALA B 130 26.39 -8.55 -7.09
C ALA B 130 27.29 -7.70 -7.98
N ASP B 131 27.32 -8.01 -9.28
CA ASP B 131 28.13 -7.23 -10.21
C ASP B 131 27.59 -5.80 -10.35
N MET B 132 26.27 -5.64 -10.34
CA MET B 132 25.69 -4.30 -10.44
C MET B 132 26.07 -3.46 -9.22
N HIS B 133 26.01 -4.06 -8.02
CA HIS B 133 26.30 -3.31 -6.81
C HIS B 133 27.77 -2.92 -6.70
N SER B 134 28.66 -3.79 -7.21
CA SER B 134 30.08 -3.46 -7.18
C SER B 134 30.43 -2.24 -8.02
N ASN B 135 29.60 -1.91 -9.03
CA ASN B 135 29.93 -0.82 -9.93
C ASN B 135 28.80 0.19 -10.10
N LEU B 136 27.75 0.13 -9.27
CA LEU B 136 26.62 1.03 -9.45
C LEU B 136 27.05 2.48 -9.37
N SER B 137 27.92 2.81 -8.41
CA SER B 137 28.37 4.20 -8.28
C SER B 137 29.26 4.60 -9.44
N ASN B 138 30.20 3.74 -9.83
CA ASN B 138 31.00 4.00 -11.02
C ASN B 138 30.10 4.23 -12.22
N TYR B 139 29.07 3.40 -12.38
CA TYR B 139 28.15 3.58 -13.50
C TYR B 139 27.35 4.86 -13.36
N HIS B 140 26.90 5.17 -12.14
CA HIS B 140 26.07 6.35 -11.98
C HIS B 140 26.84 7.62 -12.29
N GLN B 141 28.10 7.71 -11.84
CA GLN B 141 28.84 8.93 -12.08
C GLN B 141 29.25 9.07 -13.55
N TYR B 142 29.48 7.95 -14.24
CA TYR B 142 29.71 8.07 -15.69
C TYR B 142 28.48 8.64 -16.38
N ILE B 143 27.29 8.35 -15.85
CA ILE B 143 26.06 8.83 -16.47
C ILE B 143 25.91 10.34 -16.29
N VAL B 144 26.31 10.86 -15.13
CA VAL B 144 26.16 12.30 -14.92
C VAL B 144 27.18 13.08 -15.74
N LYS B 145 28.37 12.50 -15.97
CA LYS B 145 29.40 13.22 -16.72
C LYS B 145 29.06 13.28 -18.20
N CYS B 146 28.53 12.19 -18.75
CA CYS B 146 28.07 12.17 -20.13
C CYS B 146 26.67 12.73 -20.29
N HIS B 147 26.04 13.17 -19.20
CA HIS B 147 24.67 13.68 -19.21
C HIS B 147 23.71 12.66 -19.84
N GLY B 148 23.94 11.39 -19.53
CA GLY B 148 23.08 10.32 -20.00
C GLY B 148 23.15 10.01 -21.47
N ASN B 149 24.10 10.59 -22.21
CA ASN B 149 24.22 10.38 -23.65
C ASN B 149 25.28 9.32 -23.90
N THR B 150 24.89 8.06 -23.74
CA THR B 150 25.80 6.93 -23.86
C THR B 150 25.18 5.84 -24.72
N LEU B 151 26.05 4.94 -25.19
CA LEU B 151 25.61 3.72 -25.85
C LEU B 151 25.42 2.58 -24.88
N LEU B 152 25.86 2.74 -23.63
CA LEU B 152 25.63 1.75 -22.60
C LEU B 152 24.14 1.61 -22.32
N PRO B 153 23.71 0.50 -21.73
CA PRO B 153 22.29 0.36 -21.39
C PRO B 153 21.89 1.31 -20.27
N GLN B 154 20.61 1.67 -20.27
CA GLN B 154 20.05 2.50 -19.21
C GLN B 154 19.39 1.59 -18.19
N PHE B 155 20.07 1.36 -17.08
CA PHE B 155 19.51 0.57 -15.98
C PHE B 155 18.53 1.46 -15.22
N LEU B 156 17.25 1.11 -15.28
CA LEU B 156 16.20 1.97 -14.73
C LEU B 156 15.66 1.49 -13.38
N GLY B 157 15.96 0.26 -12.98
CA GLY B 157 15.41 -0.31 -11.76
C GLY B 157 15.78 -1.77 -11.62
N MET B 158 15.93 -2.23 -10.38
CA MET B 158 16.43 -3.57 -10.11
C MET B 158 15.70 -4.11 -8.89
N TYR B 159 15.02 -5.24 -9.06
CA TYR B 159 14.17 -5.79 -8.02
C TYR B 159 14.45 -7.28 -7.86
N ARG B 160 14.01 -7.80 -6.70
CA ARG B 160 14.04 -9.23 -6.42
C ARG B 160 12.65 -9.65 -5.97
N VAL B 161 12.08 -10.62 -6.68
CA VAL B 161 10.74 -11.14 -6.41
C VAL B 161 10.88 -12.56 -5.89
N SER B 162 10.16 -12.86 -4.81
CA SER B 162 10.16 -14.18 -4.20
C SER B 162 8.73 -14.73 -4.26
N VAL B 163 8.57 -15.89 -4.90
CA VAL B 163 7.27 -16.56 -5.00
C VAL B 163 7.48 -18.06 -4.86
N ASP B 164 6.74 -18.68 -3.94
CA ASP B 164 6.87 -20.11 -3.63
C ASP B 164 8.33 -20.49 -3.38
N ASN B 165 9.01 -19.65 -2.60
CA ASN B 165 10.37 -19.89 -2.12
C ASN B 165 11.34 -20.10 -3.28
N GLU B 166 11.25 -19.21 -4.27
CA GLU B 166 12.27 -19.12 -5.31
C GLU B 166 12.48 -17.65 -5.64
N ASP B 167 13.75 -17.24 -5.62
CA ASP B 167 14.13 -15.85 -5.82
C ASP B 167 14.52 -15.66 -7.28
N SER B 168 13.86 -14.74 -7.96
CA SER B 168 14.21 -14.35 -9.31
C SER B 168 14.49 -12.85 -9.33
N TYR B 169 15.55 -12.46 -10.02
CA TYR B 169 16.00 -11.08 -10.04
C TYR B 169 15.66 -10.45 -11.38
N MET B 170 15.05 -9.26 -11.33
CA MET B 170 14.57 -8.57 -12.51
C MET B 170 15.33 -7.25 -12.67
N LEU B 171 15.78 -6.98 -13.90
CA LEU B 171 16.43 -5.72 -14.24
C LEU B 171 15.66 -5.05 -15.38
N VAL B 172 15.25 -3.82 -15.18
CA VAL B 172 14.46 -3.10 -16.19
C VAL B 172 15.36 -2.12 -16.90
N MET B 173 15.47 -2.26 -18.21
CA MET B 173 16.27 -1.34 -19.00
C MET B 173 15.39 -0.74 -20.09
N ARG B 174 15.82 0.43 -20.57
CA ARG B 174 15.20 1.03 -21.74
C ARG B 174 15.40 0.09 -22.91
N ASN B 175 14.38 -0.02 -23.74
CA ASN B 175 14.45 -0.87 -24.92
C ASN B 175 15.35 -0.22 -25.97
N MET B 176 16.31 -0.98 -26.49
CA MET B 176 17.21 -0.46 -27.51
C MET B 176 16.58 -0.48 -28.89
N PHE B 177 15.71 -1.45 -29.15
CA PHE B 177 15.02 -1.52 -30.42
C PHE B 177 13.87 -0.51 -30.43
N SER B 178 13.16 -0.44 -31.55
CA SER B 178 12.13 0.57 -31.71
C SER B 178 10.86 0.16 -30.99
N HIS B 179 10.05 1.18 -30.64
CA HIS B 179 8.76 0.95 -30.03
C HIS B 179 7.65 0.72 -31.05
N ARG B 180 7.93 0.88 -32.35
CA ARG B 180 6.92 0.75 -33.38
C ARG B 180 7.44 0.01 -34.61
N LEU B 181 8.70 0.26 -34.97
CA LEU B 181 9.26 -0.30 -36.20
C LEU B 181 9.98 -1.60 -35.88
N PRO B 182 9.53 -2.73 -36.40
CA PRO B 182 10.11 -4.02 -35.99
C PRO B 182 11.48 -4.27 -36.61
N VAL B 183 12.25 -5.10 -35.93
CA VAL B 183 13.61 -5.45 -36.36
C VAL B 183 13.54 -6.70 -37.23
N HIS B 184 14.25 -6.67 -38.37
CA HIS B 184 14.27 -7.78 -39.31
C HIS B 184 15.59 -8.54 -39.31
N ARG B 185 16.69 -7.90 -38.92
CA ARG B 185 17.97 -8.56 -38.72
C ARG B 185 18.58 -8.03 -37.42
N LYS B 186 19.23 -8.92 -36.68
CA LYS B 186 19.74 -8.57 -35.36
C LYS B 186 21.10 -9.23 -35.16
N TYR B 187 22.10 -8.40 -34.91
CA TYR B 187 23.48 -8.84 -34.73
C TYR B 187 23.91 -8.69 -33.28
N ASP B 188 24.85 -9.53 -32.86
CA ASP B 188 25.54 -9.42 -31.57
C ASP B 188 27.03 -9.37 -31.91
N LEU B 189 27.55 -8.17 -32.09
CA LEU B 189 28.86 -7.96 -32.70
C LEU B 189 29.97 -7.86 -31.65
N LYS B 190 31.04 -8.64 -31.86
CA LYS B 190 32.12 -8.70 -30.89
C LYS B 190 33.48 -8.58 -31.56
N GLY B 191 33.87 -9.60 -32.31
CA GLY B 191 35.20 -9.66 -32.88
C GLY B 191 36.09 -10.61 -32.09
N SER B 192 37.01 -11.25 -32.81
CA SER B 192 37.88 -12.25 -32.19
C SER B 192 39.19 -12.42 -32.96
N GLU B 197 29.99 -16.93 -35.10
CA GLU B 197 29.06 -17.67 -35.93
C GLU B 197 27.96 -18.28 -35.07
N ALA B 198 26.73 -18.25 -35.58
CA ALA B 198 25.54 -18.61 -34.81
C ALA B 198 25.02 -19.99 -35.21
N SER B 199 24.79 -20.84 -34.20
CA SER B 199 24.12 -22.10 -34.40
C SER B 199 22.60 -21.89 -34.37
N ASP B 200 21.86 -22.89 -34.84
CA ASP B 200 20.41 -22.80 -34.88
C ASP B 200 19.79 -23.48 -33.64
N LEU B 207 13.40 -13.13 -34.67
CA LEU B 207 14.64 -12.67 -35.32
C LEU B 207 15.81 -13.40 -34.65
N PRO B 208 16.62 -14.16 -35.40
CA PRO B 208 17.64 -14.99 -34.79
C PRO B 208 18.79 -14.16 -34.35
N THR B 209 19.54 -14.68 -33.40
CA THR B 209 20.60 -13.81 -32.92
C THR B 209 21.87 -14.19 -33.63
N LEU B 210 22.18 -13.43 -34.66
CA LEU B 210 23.42 -13.62 -35.38
C LEU B 210 24.60 -13.34 -34.46
N LYS B 211 25.69 -14.08 -34.66
CA LYS B 211 26.96 -13.73 -34.03
C LYS B 211 27.77 -12.88 -35.00
N ASP B 212 29.10 -12.97 -34.95
CA ASP B 212 29.92 -11.99 -35.64
C ASP B 212 30.27 -12.40 -37.07
N MET B 213 30.55 -13.68 -37.31
CA MET B 213 30.94 -14.12 -38.64
C MET B 213 29.91 -13.74 -39.69
N ASP B 214 28.62 -13.95 -39.38
CA ASP B 214 27.53 -13.68 -40.31
C ASP B 214 27.39 -12.21 -40.65
N PHE B 215 27.97 -11.30 -39.87
CA PHE B 215 28.15 -9.95 -40.38
C PHE B 215 28.98 -9.98 -41.64
N LEU B 216 30.21 -10.53 -41.57
CA LEU B 216 31.08 -10.68 -42.73
C LEU B 216 30.42 -11.47 -43.84
N ASN B 217 30.17 -12.77 -43.62
CA ASN B 217 29.60 -13.68 -44.62
C ASN B 217 28.48 -13.06 -45.44
N LYS B 218 27.63 -12.26 -44.80
CA LYS B 218 26.48 -11.63 -45.44
C LYS B 218 26.83 -10.28 -46.06
N ASN B 219 28.10 -9.89 -46.04
CA ASN B 219 28.55 -8.63 -46.64
C ASN B 219 27.77 -7.45 -46.08
N GLN B 220 27.43 -7.55 -44.79
CA GLN B 220 26.60 -6.54 -44.16
C GLN B 220 27.39 -5.26 -43.94
N LYS B 221 26.75 -4.14 -44.19
CA LYS B 221 27.39 -2.85 -43.98
C LYS B 221 26.32 -1.86 -43.55
N VAL B 222 26.68 -0.97 -42.63
CA VAL B 222 25.79 0.08 -42.16
C VAL B 222 26.24 1.39 -42.80
N TYR B 223 25.27 2.11 -43.36
CA TYR B 223 25.51 3.43 -43.95
C TYR B 223 24.66 4.42 -43.17
N ILE B 224 25.32 5.34 -42.47
CA ILE B 224 24.66 6.24 -41.54
C ILE B 224 24.99 7.71 -41.79
N GLY B 225 25.82 8.01 -42.78
CA GLY B 225 26.22 9.39 -42.99
C GLY B 225 27.49 9.74 -42.25
N GLU B 226 28.30 10.59 -42.89
CA GLU B 226 29.61 10.92 -42.33
C GLU B 226 29.48 11.59 -40.97
N GLU B 227 28.62 12.60 -40.86
CA GLU B 227 28.55 13.38 -39.64
C GLU B 227 28.07 12.54 -38.45
N GLU B 228 27.07 11.69 -38.67
CA GLU B 228 26.54 10.90 -37.56
C GLU B 228 27.42 9.71 -37.23
N LYS B 229 28.19 9.20 -38.20
CA LYS B 229 29.04 8.05 -37.93
C LYS B 229 30.07 8.36 -36.86
N LYS B 230 30.66 9.56 -36.89
CA LYS B 230 31.71 9.90 -35.94
C LYS B 230 31.14 10.19 -34.55
N ILE B 231 29.95 10.79 -34.48
CA ILE B 231 29.33 11.02 -33.19
C ILE B 231 29.06 9.69 -32.48
N PHE B 232 28.61 8.68 -33.23
CA PHE B 232 28.45 7.35 -32.66
C PHE B 232 29.80 6.77 -32.26
N LEU B 233 30.80 6.88 -33.13
CA LEU B 233 32.08 6.25 -32.87
C LEU B 233 32.84 6.96 -31.75
N GLU B 234 32.74 8.29 -31.68
CA GLU B 234 33.36 9.01 -30.58
C GLU B 234 32.75 8.59 -29.24
N LYS B 235 31.42 8.45 -29.18
CA LYS B 235 30.79 8.01 -27.95
C LYS B 235 31.12 6.54 -27.66
N LEU B 236 31.23 5.71 -28.70
CA LEU B 236 31.61 4.32 -28.49
C LEU B 236 32.99 4.22 -27.85
N LYS B 237 33.94 5.01 -28.35
CA LYS B 237 35.27 5.03 -27.75
C LYS B 237 35.20 5.51 -26.31
N ARG B 238 34.41 6.55 -26.05
CA ARG B 238 34.24 7.03 -24.68
C ARG B 238 33.67 5.95 -23.78
N ASP B 239 32.55 5.35 -24.19
CA ASP B 239 31.94 4.30 -23.40
C ASP B 239 32.91 3.17 -23.13
N VAL B 240 33.43 2.56 -24.19
CA VAL B 240 34.38 1.46 -24.05
C VAL B 240 35.55 1.86 -23.15
N GLU B 241 36.04 3.09 -23.30
CA GLU B 241 37.14 3.56 -22.45
C GLU B 241 36.72 3.74 -21.01
N PHE B 242 35.41 3.81 -20.73
CA PHE B 242 34.93 3.76 -19.36
C PHE B 242 34.92 2.33 -18.83
N LEU B 243 34.66 1.35 -19.69
CA LEU B 243 34.63 -0.04 -19.25
C LEU B 243 36.03 -0.57 -18.97
N VAL B 244 37.02 -0.22 -19.80
CA VAL B 244 38.36 -0.77 -19.63
C VAL B 244 39.01 -0.25 -18.35
N GLN B 245 38.64 0.95 -17.90
CA GLN B 245 39.14 1.45 -16.63
C GLN B 245 38.63 0.64 -15.45
N LEU B 246 37.59 -0.15 -15.66
CA LEU B 246 37.02 -1.01 -14.63
C LEU B 246 37.37 -2.48 -14.83
N LYS B 247 38.31 -2.77 -15.73
CA LYS B 247 38.71 -4.14 -16.06
C LYS B 247 37.53 -4.96 -16.59
N ILE B 248 36.74 -4.34 -17.46
CA ILE B 248 35.57 -4.99 -18.06
C ILE B 248 35.93 -5.51 -19.44
N MET B 249 35.47 -6.72 -19.74
CA MET B 249 35.62 -7.31 -21.06
C MET B 249 34.35 -8.09 -21.37
N ASP B 250 34.32 -8.70 -22.56
CA ASP B 250 33.25 -9.59 -23.00
C ASP B 250 31.91 -8.87 -23.18
N TYR B 251 31.94 -7.60 -23.54
CA TYR B 251 30.72 -6.89 -23.89
C TYR B 251 30.42 -7.08 -25.39
N SER B 252 29.21 -6.68 -25.80
CA SER B 252 28.79 -6.82 -27.19
C SER B 252 28.15 -5.53 -27.67
N LEU B 253 28.17 -5.32 -28.98
CA LEU B 253 27.38 -4.28 -29.63
C LEU B 253 26.17 -4.95 -30.26
N LEU B 254 25.01 -4.76 -29.66
CA LEU B 254 23.76 -5.26 -30.21
C LEU B 254 23.33 -4.36 -31.37
N LEU B 255 23.24 -4.92 -32.57
CA LEU B 255 22.86 -4.18 -33.77
C LEU B 255 21.55 -4.74 -34.28
N GLY B 256 20.50 -3.92 -34.24
CA GLY B 256 19.21 -4.27 -34.82
C GLY B 256 19.00 -3.46 -36.08
N ILE B 257 18.24 -4.04 -37.01
CA ILE B 257 18.19 -3.55 -38.38
C ILE B 257 16.77 -3.69 -38.91
N HIS B 258 16.18 -2.58 -39.37
CA HIS B 258 14.78 -2.57 -39.84
C HIS B 258 14.70 -1.92 -41.22
N ASP B 259 14.47 -2.75 -42.25
CA ASP B 259 14.20 -2.24 -43.58
C ASP B 259 12.95 -1.36 -43.56
N ILE B 260 13.05 -0.17 -44.17
CA ILE B 260 11.99 0.84 -44.07
C ILE B 260 10.82 0.50 -44.98
N ILE B 261 10.89 -0.66 -45.65
CA ILE B 261 9.74 -1.18 -46.37
C ILE B 261 9.09 -2.26 -45.50
N GLU B 276 5.35 9.20 -33.08
CA GLU B 276 5.19 10.54 -32.54
C GLU B 276 5.00 10.52 -31.03
N SER B 277 4.69 9.34 -30.49
CA SER B 277 4.41 9.23 -29.06
C SER B 277 5.69 9.19 -28.22
N PHE B 278 6.66 8.37 -28.63
CA PHE B 278 7.94 8.28 -27.93
C PHE B 278 9.12 8.31 -28.88
N ILE B 279 10.32 8.09 -28.35
CA ILE B 279 11.56 8.22 -29.10
C ILE B 279 12.39 6.95 -28.94
N ASP B 280 13.07 6.54 -30.01
CA ASP B 280 14.06 5.47 -29.99
C ASP B 280 15.43 6.14 -30.05
N VAL B 281 16.02 6.39 -28.87
CA VAL B 281 17.23 7.22 -28.79
C VAL B 281 18.48 6.50 -29.23
N TYR B 282 18.43 5.18 -29.47
CA TYR B 282 19.55 4.45 -30.04
C TYR B 282 19.36 4.18 -31.54
N ALA B 283 18.33 4.74 -32.15
CA ALA B 283 18.09 4.57 -33.58
C ALA B 283 18.86 5.62 -34.37
N ILE B 284 19.42 5.19 -35.51
CA ILE B 284 20.15 6.08 -36.42
C ILE B 284 19.57 5.87 -37.81
N ARG B 285 19.10 6.95 -38.43
CA ARG B 285 18.30 6.87 -39.64
C ARG B 285 19.12 6.41 -40.84
N SER B 286 18.39 5.97 -41.87
CA SER B 286 19.01 5.60 -43.14
C SER B 286 19.87 6.73 -43.69
N ALA B 287 21.11 6.41 -44.04
CA ALA B 287 21.95 7.40 -44.70
C ALA B 287 21.33 7.79 -46.03
N GLU B 288 21.59 9.03 -46.43
CA GLU B 288 21.24 9.46 -47.77
C GLU B 288 22.00 8.63 -48.79
N GLY B 289 21.29 8.12 -49.79
CA GLY B 289 21.92 7.32 -50.82
C GLY B 289 22.60 6.07 -50.30
N ALA B 290 21.83 5.13 -49.78
CA ALA B 290 22.30 3.82 -49.37
C ALA B 290 21.64 2.76 -50.24
N PRO B 291 22.32 1.61 -50.44
CA PRO B 291 21.63 0.46 -51.07
C PRO B 291 20.18 0.25 -50.64
N GLN B 292 19.93 0.14 -49.34
CA GLN B 292 18.59 0.16 -48.80
C GLN B 292 18.50 1.26 -47.76
N LYS B 293 17.39 1.99 -47.76
CA LYS B 293 17.08 2.95 -46.71
C LYS B 293 16.46 2.20 -45.54
N GLU B 294 17.01 2.38 -44.35
CA GLU B 294 16.80 1.45 -43.26
C GLU B 294 17.02 2.20 -41.95
N VAL B 295 16.85 1.53 -40.80
CA VAL B 295 17.11 2.16 -39.51
C VAL B 295 17.92 1.18 -38.67
N TYR B 296 18.96 1.69 -38.01
CA TYR B 296 19.87 0.87 -37.22
C TYR B 296 19.73 1.20 -35.74
N PHE B 297 19.65 0.17 -34.91
CA PHE B 297 19.60 0.28 -33.46
C PHE B 297 20.84 -0.38 -32.90
N MET B 298 21.68 0.41 -32.23
CA MET B 298 22.94 -0.10 -31.72
C MET B 298 23.24 0.48 -30.35
N GLY B 299 23.71 -0.40 -29.45
CA GLY B 299 24.11 -0.02 -28.11
C GLY B 299 24.76 -1.20 -27.42
N LEU B 300 25.59 -0.95 -26.41
CA LEU B 300 26.35 -2.02 -25.78
C LEU B 300 25.50 -2.78 -24.78
N ILE B 301 25.68 -4.11 -24.73
CA ILE B 301 24.95 -4.98 -23.83
C ILE B 301 25.94 -5.91 -23.15
N ASP B 302 25.46 -6.57 -22.10
CA ASP B 302 26.27 -7.49 -21.29
C ASP B 302 27.62 -6.88 -20.94
N ILE B 303 27.58 -5.64 -20.46
CA ILE B 303 28.73 -5.03 -19.80
C ILE B 303 28.83 -5.69 -18.43
N LEU B 304 29.63 -5.11 -17.53
CA LEU B 304 29.74 -5.53 -16.13
C LEU B 304 30.37 -6.90 -15.95
N THR B 305 30.97 -7.48 -16.98
CA THR B 305 31.71 -8.72 -16.85
C THR B 305 33.18 -8.37 -16.62
N GLN B 306 33.66 -8.58 -15.40
CA GLN B 306 35.01 -8.20 -15.02
C GLN B 306 36.01 -9.31 -15.31
N TYR B 307 37.23 -8.91 -15.66
CA TYR B 307 38.29 -9.86 -16.02
C TYR B 307 38.59 -10.80 -14.88
N ASP B 308 37.84 -11.90 -14.80
CA ASP B 308 37.98 -13.00 -13.85
C ASP B 308 36.76 -13.91 -13.93
N VAL B 331 43.51 -12.89 -23.06
CA VAL B 331 42.68 -11.81 -23.57
C VAL B 331 42.41 -10.79 -22.46
N HIS B 332 42.86 -9.55 -22.68
CA HIS B 332 42.81 -8.49 -21.69
C HIS B 332 41.77 -7.44 -22.05
N PRO B 333 41.38 -6.60 -21.09
CA PRO B 333 40.36 -5.56 -21.39
C PRO B 333 40.76 -4.62 -22.52
N GLU B 334 41.96 -4.01 -22.45
CA GLU B 334 42.35 -3.04 -23.46
C GLU B 334 42.66 -3.69 -24.79
N GLN B 335 43.09 -4.96 -24.79
CA GLN B 335 43.13 -5.71 -26.03
C GLN B 335 41.72 -6.02 -26.52
N TYR B 336 40.89 -6.59 -25.65
CA TYR B 336 39.51 -6.88 -26.03
C TYR B 336 38.86 -5.65 -26.62
N ALA B 337 38.97 -4.51 -25.94
CA ALA B 337 38.66 -3.24 -26.55
C ALA B 337 39.27 -3.22 -27.94
N LYS B 338 40.60 -3.12 -28.01
CA LYS B 338 41.34 -2.94 -29.25
C LYS B 338 40.75 -3.72 -30.43
N ARG B 339 40.37 -4.97 -30.20
CA ARG B 339 39.76 -5.77 -31.25
C ARG B 339 38.31 -5.38 -31.49
N PHE B 340 37.54 -5.10 -30.45
CA PHE B 340 36.12 -4.81 -30.74
C PHE B 340 36.02 -3.48 -31.39
N LEU B 341 36.68 -2.52 -30.77
CA LEU B 341 36.55 -1.16 -31.30
C LEU B 341 36.89 -1.12 -32.80
N ASP B 342 37.99 -1.75 -33.20
CA ASP B 342 38.38 -1.62 -34.62
C ASP B 342 37.35 -2.39 -35.43
N PHE B 343 36.86 -3.50 -34.86
CA PHE B 343 35.83 -4.26 -35.58
C PHE B 343 34.63 -3.38 -35.89
N ILE B 344 34.05 -2.75 -34.86
CA ILE B 344 32.81 -2.00 -35.06
C ILE B 344 33.06 -0.70 -35.80
N THR B 345 34.27 -0.12 -35.69
CA THR B 345 34.61 1.04 -36.51
C THR B 345 34.59 0.71 -37.99
N ASN B 346 34.58 -0.57 -38.35
CA ASN B 346 34.77 -1.02 -39.73
C ASN B 346 33.46 -1.36 -40.40
N ILE B 347 32.48 -0.46 -40.34
CA ILE B 347 31.27 -0.62 -41.14
C ILE B 347 30.83 0.77 -41.61
N PHE B 348 30.89 0.99 -42.93
CA PHE B 348 30.59 2.29 -43.52
C PHE B 348 29.98 2.14 -44.91
#